data_4YVA
#
_entry.id   4YVA
#
_cell.length_a   56.720
_cell.length_b   56.720
_cell.length_c   129.910
_cell.angle_alpha   90.00
_cell.angle_beta   90.00
_cell.angle_gamma   90.00
#
_symmetry.space_group_name_H-M   'P 43 21 2'
#
loop_
_entity.id
_entity.type
_entity.pdbx_description
1 polymer 'Cathepsin K'
2 non-polymer 'SULFATE ION'
3 water water
#
_entity_poly.entity_id   1
_entity_poly.type   'polypeptide(L)'
_entity_poly.pdbx_seq_one_letter_code
;APDSVDYRKKGYVTPVKNQGQCGSCWAFSSVGALEGQLKKKTGKLLNLSPQNLVDCVSENDGCGGGYMTNAFQYVQKNRG
IDSEDAYPYVGQEESCMYNPTGKAAKCRGYREIPEGNEKALKRAVARVGPVSVAIDASLTSFQFYSKGVYYDESCNSDNL
NHAVLAVGYGIQKGNKHWIIKNSWGENWGNKGYILMARNKNNACGIANLASFPKM
;
_entity_poly.pdbx_strand_id   A
#
loop_
_chem_comp.id
_chem_comp.type
_chem_comp.name
_chem_comp.formula
SO4 non-polymer 'SULFATE ION' 'O4 S -2'
#
# COMPACT_ATOMS: atom_id res chain seq x y z
N ASP A 3 -3.34 7.94 -21.54
CA ASP A 3 -2.40 7.20 -20.71
C ASP A 3 -2.86 7.15 -19.26
N SER A 4 -3.57 6.09 -18.90
CA SER A 4 -4.06 5.92 -17.54
C SER A 4 -4.39 4.47 -17.24
N VAL A 5 -4.38 4.12 -15.96
CA VAL A 5 -4.80 2.78 -15.54
C VAL A 5 -5.43 2.86 -14.16
N ASP A 6 -6.42 2.02 -13.93
CA ASP A 6 -7.12 1.95 -12.65
C ASP A 6 -7.31 0.48 -12.32
N TYR A 7 -6.44 -0.07 -11.48
CA TYR A 7 -6.44 -1.50 -11.22
C TYR A 7 -7.66 -1.97 -10.43
N ARG A 8 -8.41 -1.03 -9.86
CA ARG A 8 -9.65 -1.38 -9.19
C ARG A 8 -10.63 -1.99 -10.19
N LYS A 9 -10.64 -1.46 -11.41
CA LYS A 9 -11.52 -1.95 -12.46
C LYS A 9 -11.08 -3.33 -12.94
N LYS A 10 -9.84 -3.70 -12.67
CA LYS A 10 -9.26 -4.92 -13.23
C LYS A 10 -9.28 -6.12 -12.28
N GLY A 11 -9.77 -5.92 -11.07
CA GLY A 11 -9.88 -7.00 -10.10
C GLY A 11 -8.63 -7.19 -9.26
N TYR A 12 -7.76 -6.19 -9.29
CA TYR A 12 -6.46 -6.28 -8.65
C TYR A 12 -6.49 -5.76 -7.21
N VAL A 13 -7.61 -5.13 -6.85
CA VAL A 13 -7.68 -4.43 -5.57
C VAL A 13 -8.84 -4.92 -4.71
N THR A 14 -8.54 -5.26 -3.46
CA THR A 14 -9.55 -5.71 -2.51
C THR A 14 -10.27 -4.51 -1.90
N PRO A 15 -11.39 -4.74 -1.20
CA PRO A 15 -12.05 -3.61 -0.55
C PRO A 15 -11.16 -2.86 0.43
N VAL A 16 -11.50 -1.60 0.68
CA VAL A 16 -10.75 -0.75 1.58
C VAL A 16 -10.87 -1.26 3.02
N LYS A 17 -9.73 -1.34 3.71
CA LYS A 17 -9.71 -1.80 5.09
C LYS A 17 -9.58 -0.64 6.07
N ASN A 18 -9.68 -0.95 7.36
CA ASN A 18 -9.56 0.04 8.42
C ASN A 18 -8.59 -0.46 9.49
N GLN A 19 -7.44 0.20 9.60
CA GLN A 19 -6.42 -0.25 10.55
C GLN A 19 -6.81 0.01 12.00
N GLY A 20 -7.79 0.88 12.22
CA GLY A 20 -8.24 1.17 13.56
C GLY A 20 -7.19 1.89 14.39
N GLN A 21 -7.13 1.56 15.68
CA GLN A 21 -6.19 2.21 16.60
C GLN A 21 -4.86 1.48 16.63
N CYS A 22 -4.27 1.33 15.45
CA CYS A 22 -3.01 0.61 15.30
C CYS A 22 -2.27 1.19 14.10
N GLY A 23 -1.01 1.58 14.30
CA GLY A 23 -0.22 2.14 13.23
C GLY A 23 0.30 1.07 12.29
N SER A 24 -0.63 0.33 11.68
CA SER A 24 -0.28 -0.82 10.86
C SER A 24 -0.44 -0.55 9.36
N CYS A 25 -0.46 0.73 8.99
CA CYS A 25 -0.68 1.06 7.59
C CYS A 25 0.36 0.41 6.68
N TRP A 26 1.58 0.24 7.19
CA TRP A 26 2.62 -0.45 6.42
C TRP A 26 2.22 -1.88 6.05
N ALA A 27 1.48 -2.52 6.96
CA ALA A 27 1.06 -3.90 6.73
C ALA A 27 -0.05 -3.96 5.69
N PHE A 28 -0.99 -3.01 5.73
CA PHE A 28 -2.05 -2.95 4.74
C PHE A 28 -1.51 -2.60 3.36
N SER A 29 -0.55 -1.69 3.34
CA SER A 29 0.14 -1.33 2.08
C SER A 29 0.82 -2.56 1.48
N SER A 30 1.57 -3.28 2.32
CA SER A 30 2.26 -4.48 1.87
C SER A 30 1.31 -5.55 1.34
N VAL A 31 0.27 -5.87 2.13
CA VAL A 31 -0.66 -6.90 1.71
C VAL A 31 -1.40 -6.46 0.46
N GLY A 32 -1.58 -5.15 0.29
CA GLY A 32 -2.22 -4.63 -0.90
C GLY A 32 -1.40 -4.91 -2.14
N ALA A 33 -0.11 -4.61 -2.06
CA ALA A 33 0.79 -4.91 -3.18
C ALA A 33 0.82 -6.41 -3.47
N LEU A 34 0.88 -7.22 -2.42
CA LEU A 34 0.91 -8.67 -2.57
C LEU A 34 -0.39 -9.21 -3.19
N GLU A 35 -1.50 -8.60 -2.82
CA GLU A 35 -2.81 -8.96 -3.37
C GLU A 35 -2.84 -8.69 -4.87
N GLY A 36 -2.40 -7.50 -5.25
CA GLY A 36 -2.29 -7.16 -6.66
C GLY A 36 -1.46 -8.17 -7.43
N GLN A 37 -0.31 -8.54 -6.88
CA GLN A 37 0.56 -9.51 -7.56
C GLN A 37 -0.08 -10.90 -7.61
N LEU A 38 -0.83 -11.26 -6.57
CA LEU A 38 -1.52 -12.54 -6.53
C LEU A 38 -2.54 -12.63 -7.67
N LYS A 39 -3.33 -11.57 -7.83
CA LYS A 39 -4.27 -11.49 -8.93
C LYS A 39 -3.56 -11.60 -10.27
N LYS A 40 -2.47 -10.84 -10.43
CA LYS A 40 -1.74 -10.85 -11.70
C LYS A 40 -1.16 -12.22 -12.06
N LYS A 41 -0.60 -12.91 -11.07
CA LYS A 41 0.10 -14.16 -11.32
C LYS A 41 -0.83 -15.36 -11.41
N THR A 42 -1.91 -15.36 -10.63
CA THR A 42 -2.78 -16.54 -10.55
C THR A 42 -4.17 -16.33 -11.15
N GLY A 43 -4.53 -15.08 -11.41
CA GLY A 43 -5.82 -14.78 -12.00
C GLY A 43 -6.90 -14.48 -10.98
N LYS A 44 -6.58 -14.67 -9.71
CA LYS A 44 -7.53 -14.40 -8.64
C LYS A 44 -6.81 -13.96 -7.37
N LEU A 45 -7.49 -13.19 -6.54
CA LEU A 45 -6.93 -12.78 -5.26
C LEU A 45 -7.91 -13.02 -4.11
N LEU A 46 -7.43 -12.79 -2.90
CA LEU A 46 -8.27 -12.74 -1.71
C LEU A 46 -7.62 -11.78 -0.73
N ASN A 47 -8.30 -11.50 0.38
CA ASN A 47 -7.71 -10.67 1.42
C ASN A 47 -6.56 -11.41 2.10
N LEU A 48 -5.36 -10.84 2.03
CA LEU A 48 -4.23 -11.37 2.78
C LEU A 48 -4.21 -10.71 4.16
N SER A 49 -3.45 -11.29 5.09
CA SER A 49 -3.55 -10.87 6.49
C SER A 49 -2.47 -9.90 6.95
N PRO A 50 -2.86 -8.63 7.18
CA PRO A 50 -1.94 -7.66 7.75
C PRO A 50 -1.51 -8.04 9.17
N GLN A 51 -2.38 -8.76 9.89
CA GLN A 51 -2.06 -9.15 11.25
C GLN A 51 -0.85 -10.09 11.31
N ASN A 52 -0.72 -10.92 10.28
CA ASN A 52 0.41 -11.84 10.23
C ASN A 52 1.72 -11.05 10.15
N LEU A 53 1.69 -9.98 9.38
CA LEU A 53 2.85 -9.09 9.26
C LEU A 53 3.09 -8.32 10.55
N VAL A 54 2.02 -7.81 11.14
CA VAL A 54 2.12 -7.06 12.40
C VAL A 54 2.79 -7.91 13.47
N ASP A 55 2.35 -9.17 13.58
CA ASP A 55 2.83 -10.05 14.64
C ASP A 55 4.19 -10.68 14.34
N CYS A 56 4.51 -10.88 13.07
CA CYS A 56 5.67 -11.71 12.76
C CYS A 56 6.86 -10.99 12.10
N VAL A 57 6.69 -9.75 11.68
CA VAL A 57 7.83 -9.03 11.08
C VAL A 57 8.59 -8.31 12.18
N SER A 58 9.59 -9.00 12.73
CA SER A 58 10.31 -8.51 13.90
C SER A 58 11.15 -7.27 13.60
N GLU A 59 11.52 -7.09 12.33
CA GLU A 59 12.30 -5.92 11.94
C GLU A 59 11.46 -4.64 11.96
N ASN A 60 10.14 -4.81 12.03
CA ASN A 60 9.22 -3.67 12.15
C ASN A 60 8.71 -3.54 13.57
N ASP A 61 7.83 -2.56 13.80
CA ASP A 61 7.42 -2.20 15.16
C ASP A 61 5.92 -2.43 15.41
N GLY A 62 5.32 -3.36 14.68
CA GLY A 62 3.92 -3.69 14.85
C GLY A 62 3.00 -2.51 14.66
N CYS A 63 2.27 -2.13 15.71
CA CYS A 63 1.38 -0.99 15.67
C CYS A 63 2.14 0.33 15.79
N GLY A 64 3.45 0.24 15.98
CA GLY A 64 4.29 1.41 16.11
C GLY A 64 4.97 1.81 14.81
N GLY A 65 4.67 1.06 13.75
CA GLY A 65 5.21 1.40 12.43
C GLY A 65 6.11 0.35 11.82
N GLY A 66 6.46 0.55 10.55
CA GLY A 66 7.31 -0.39 9.86
C GLY A 66 7.52 -0.05 8.39
N TYR A 67 8.42 -0.78 7.75
CA TYR A 67 8.69 -0.61 6.32
C TYR A 67 8.08 -1.75 5.52
N MET A 68 7.58 -1.43 4.33
CA MET A 68 6.97 -2.42 3.46
C MET A 68 7.99 -3.45 2.95
N THR A 69 9.22 -3.00 2.69
CA THR A 69 10.25 -3.90 2.19
C THR A 69 10.57 -5.00 3.21
N ASN A 70 10.60 -4.64 4.49
CA ASN A 70 10.79 -5.62 5.55
C ASN A 70 9.70 -6.68 5.51
N ALA A 71 8.47 -6.26 5.21
CA ALA A 71 7.34 -7.18 5.11
C ALA A 71 7.51 -8.15 3.93
N PHE A 72 7.84 -7.61 2.76
CA PHE A 72 8.08 -8.47 1.58
C PHE A 72 9.19 -9.48 1.87
N GLN A 73 10.23 -8.98 2.52
CA GLN A 73 11.39 -9.79 2.89
C GLN A 73 10.97 -10.94 3.82
N TYR A 74 10.13 -10.62 4.79
CA TYR A 74 9.59 -11.62 5.70
C TYR A 74 8.80 -12.68 4.94
N VAL A 75 7.90 -12.25 4.05
CA VAL A 75 7.08 -13.20 3.32
C VAL A 75 7.96 -14.14 2.49
N GLN A 76 9.05 -13.59 1.94
CA GLN A 76 9.97 -14.42 1.18
C GLN A 76 10.67 -15.47 2.05
N LYS A 77 11.26 -15.02 3.16
CA LYS A 77 11.99 -15.94 4.04
C LYS A 77 11.07 -16.94 4.74
N ASN A 78 9.84 -16.51 5.02
CA ASN A 78 8.87 -17.35 5.71
C ASN A 78 8.20 -18.34 4.77
N ARG A 79 8.47 -18.18 3.48
CA ARG A 79 7.87 -19.00 2.42
C ARG A 79 6.34 -18.88 2.38
N GLY A 80 5.82 -17.72 2.78
CA GLY A 80 4.39 -17.50 2.66
C GLY A 80 3.79 -16.48 3.62
N ILE A 81 2.56 -16.08 3.30
CA ILE A 81 1.76 -15.23 4.18
C ILE A 81 0.33 -15.79 4.21
N ASP A 82 -0.31 -15.73 5.38
CA ASP A 82 -1.65 -16.26 5.55
C ASP A 82 -2.74 -15.38 4.92
N SER A 83 -3.89 -15.97 4.65
CA SER A 83 -5.05 -15.22 4.25
C SER A 83 -5.62 -14.49 5.46
N GLU A 84 -6.40 -13.44 5.22
CA GLU A 84 -7.07 -12.71 6.30
C GLU A 84 -7.96 -13.64 7.13
N ASP A 85 -8.68 -14.52 6.44
CA ASP A 85 -9.61 -15.41 7.12
C ASP A 85 -8.89 -16.41 8.02
N ALA A 86 -7.66 -16.77 7.66
CA ALA A 86 -6.88 -17.74 8.43
C ALA A 86 -6.13 -17.07 9.57
N TYR A 87 -5.94 -15.75 9.48
CA TYR A 87 -5.17 -15.01 10.47
C TYR A 87 -5.75 -13.59 10.57
N PRO A 88 -6.90 -13.46 11.24
CA PRO A 88 -7.74 -12.25 11.25
C PRO A 88 -7.10 -11.04 11.94
N TYR A 89 -7.46 -9.86 11.45
CA TYR A 89 -6.94 -8.61 12.00
C TYR A 89 -7.67 -8.22 13.29
N VAL A 90 -6.90 -7.90 14.33
CA VAL A 90 -7.49 -7.54 15.63
C VAL A 90 -7.05 -6.15 16.11
N GLY A 91 -6.16 -5.50 15.36
CA GLY A 91 -5.78 -4.13 15.66
C GLY A 91 -4.86 -3.94 16.85
N GLN A 92 -4.13 -4.99 17.20
CA GLN A 92 -3.11 -4.92 18.25
C GLN A 92 -2.10 -6.02 18.02
N GLU A 93 -0.85 -5.80 18.43
CA GLU A 93 0.17 -6.81 18.21
C GLU A 93 0.06 -7.93 19.23
N GLU A 94 0.18 -9.15 18.72
CA GLU A 94 0.15 -10.37 19.52
C GLU A 94 1.32 -11.24 19.09
N SER A 95 1.46 -12.41 19.71
CA SER A 95 2.54 -13.31 19.34
C SER A 95 2.35 -13.81 17.91
N CYS A 96 3.45 -14.16 17.25
CA CYS A 96 3.39 -14.67 15.89
C CYS A 96 2.67 -16.02 15.87
N MET A 97 1.56 -16.07 15.13
CA MET A 97 0.75 -17.28 15.06
C MET A 97 0.61 -17.75 13.62
N TYR A 98 1.65 -17.54 12.81
CA TYR A 98 1.63 -17.96 11.42
C TYR A 98 1.41 -19.46 11.30
N ASN A 99 0.55 -19.87 10.38
CA ASN A 99 0.33 -21.28 10.11
C ASN A 99 0.29 -21.56 8.62
N PRO A 100 1.23 -22.40 8.15
CA PRO A 100 1.37 -22.79 6.74
C PRO A 100 0.10 -23.34 6.09
N THR A 101 -0.83 -23.87 6.89
CA THR A 101 -2.09 -24.39 6.37
C THR A 101 -2.90 -23.26 5.74
N GLY A 102 -2.76 -22.06 6.27
CA GLY A 102 -3.51 -20.91 5.78
C GLY A 102 -2.77 -20.05 4.77
N LYS A 103 -1.63 -20.57 4.28
CA LYS A 103 -0.83 -19.86 3.28
C LYS A 103 -1.63 -19.55 2.04
N ALA A 104 -1.62 -18.28 1.62
CA ALA A 104 -2.44 -17.85 0.48
C ALA A 104 -1.62 -17.10 -0.57
N ALA A 105 -0.38 -16.79 -0.24
CA ALA A 105 0.52 -16.12 -1.18
C ALA A 105 1.97 -16.30 -0.79
N LYS A 106 2.85 -16.18 -1.78
CA LYS A 106 4.28 -16.24 -1.54
C LYS A 106 4.97 -15.04 -2.16
N CYS A 107 6.25 -14.87 -1.84
CA CYS A 107 7.02 -13.75 -2.35
C CYS A 107 8.44 -14.18 -2.67
N ARG A 108 8.97 -13.75 -3.82
CA ARG A 108 10.34 -14.13 -4.19
C ARG A 108 11.30 -12.94 -4.17
N GLY A 109 10.95 -11.91 -3.42
CA GLY A 109 11.80 -10.74 -3.29
C GLY A 109 11.04 -9.45 -3.51
N TYR A 110 11.75 -8.37 -3.78
CA TYR A 110 11.10 -7.09 -4.03
C TYR A 110 12.01 -6.14 -4.80
N ARG A 111 11.42 -5.07 -5.32
CA ARG A 111 12.20 -4.01 -5.93
C ARG A 111 11.77 -2.65 -5.40
N GLU A 112 12.75 -1.77 -5.24
CA GLU A 112 12.51 -0.40 -4.83
C GLU A 112 12.61 0.52 -6.04
N ILE A 113 11.65 1.43 -6.16
CA ILE A 113 11.65 2.43 -7.22
C ILE A 113 12.75 3.45 -6.92
N PRO A 114 13.50 3.87 -7.94
CA PRO A 114 14.51 4.93 -7.79
C PRO A 114 13.94 6.15 -7.05
N GLU A 115 14.63 6.56 -5.99
CA GLU A 115 14.12 7.57 -5.07
C GLU A 115 13.80 8.91 -5.74
N GLY A 116 12.55 9.35 -5.60
CA GLY A 116 12.12 10.64 -6.11
C GLY A 116 11.66 10.65 -7.56
N ASN A 117 11.77 9.51 -8.22
CA ASN A 117 11.51 9.42 -9.66
C ASN A 117 10.06 9.03 -9.97
N GLU A 118 9.21 10.01 -10.27
CA GLU A 118 7.81 9.72 -10.55
C GLU A 118 7.61 9.03 -11.90
N LYS A 119 8.57 9.20 -12.80
CA LYS A 119 8.50 8.53 -14.09
C LYS A 119 8.69 7.02 -13.90
N ALA A 120 9.68 6.66 -13.08
CA ALA A 120 9.91 5.26 -12.76
C ALA A 120 8.75 4.66 -11.97
N LEU A 121 8.13 5.46 -11.11
CA LEU A 121 6.96 5.00 -10.37
C LEU A 121 5.79 4.73 -11.32
N LYS A 122 5.59 5.63 -12.29
CA LYS A 122 4.53 5.42 -13.27
C LYS A 122 4.79 4.15 -14.07
N ARG A 123 6.04 3.97 -14.51
CA ARG A 123 6.39 2.75 -15.25
C ARG A 123 6.13 1.51 -14.42
N ALA A 124 6.44 1.58 -13.13
CA ALA A 124 6.21 0.44 -12.23
C ALA A 124 4.71 0.14 -12.08
N VAL A 125 3.90 1.18 -11.90
CA VAL A 125 2.46 0.95 -11.77
C VAL A 125 1.91 0.33 -13.06
N ALA A 126 2.38 0.83 -14.20
CA ALA A 126 1.91 0.34 -15.48
C ALA A 126 2.33 -1.11 -15.75
N ARG A 127 3.55 -1.46 -15.35
CA ARG A 127 4.14 -2.73 -15.75
C ARG A 127 4.09 -3.81 -14.67
N VAL A 128 3.84 -3.41 -13.44
CA VAL A 128 3.78 -4.36 -12.33
C VAL A 128 2.36 -4.51 -11.79
N GLY A 129 1.74 -3.39 -11.46
CA GLY A 129 0.45 -3.38 -10.80
C GLY A 129 0.53 -2.41 -9.63
N PRO A 130 -0.37 -2.59 -8.64
CA PRO A 130 -0.33 -1.71 -7.46
C PRO A 130 1.04 -1.70 -6.76
N VAL A 131 1.49 -0.52 -6.38
CA VAL A 131 2.81 -0.34 -5.79
C VAL A 131 2.70 0.27 -4.40
N SER A 132 3.41 -0.30 -3.43
CA SER A 132 3.42 0.24 -2.06
C SER A 132 4.21 1.55 -2.01
N VAL A 133 3.63 2.59 -1.40
CA VAL A 133 4.31 3.87 -1.29
C VAL A 133 4.17 4.45 0.11
N ALA A 134 5.02 5.42 0.42
CA ALA A 134 4.93 6.15 1.69
C ALA A 134 4.86 7.65 1.43
N ILE A 135 4.00 8.33 2.19
CA ILE A 135 3.76 9.75 2.00
C ILE A 135 3.67 10.50 3.32
N ASP A 136 3.72 11.83 3.23
CA ASP A 136 3.37 12.69 4.34
C ASP A 136 1.85 12.87 4.35
N ALA A 137 1.20 12.28 5.34
CA ALA A 137 -0.25 12.36 5.47
C ALA A 137 -0.64 13.17 6.71
N SER A 138 0.29 13.99 7.19
CA SER A 138 0.11 14.66 8.48
C SER A 138 -0.67 15.98 8.37
N LEU A 139 -0.78 16.51 7.16
CA LEU A 139 -1.50 17.77 6.96
C LEU A 139 -2.99 17.59 7.23
N THR A 140 -3.60 18.62 7.81
CA THR A 140 -5.03 18.61 8.06
C THR A 140 -5.78 18.46 6.74
N SER A 141 -5.29 19.14 5.71
CA SER A 141 -5.92 19.15 4.39
C SER A 141 -5.95 17.76 3.75
N PHE A 142 -4.93 16.95 4.03
CA PHE A 142 -4.94 15.57 3.56
C PHE A 142 -6.04 14.79 4.27
N GLN A 143 -6.13 14.97 5.58
CA GLN A 143 -7.04 14.16 6.37
C GLN A 143 -8.52 14.43 6.06
N PHE A 144 -8.90 15.66 5.74
CA PHE A 144 -10.30 15.92 5.42
C PHE A 144 -10.59 15.93 3.92
N TYR A 145 -9.69 15.35 3.13
CA TYR A 145 -9.91 15.18 1.69
C TYR A 145 -11.23 14.46 1.40
N SER A 146 -11.96 14.93 0.40
CA SER A 146 -13.16 14.21 -0.04
C SER A 146 -13.24 14.04 -1.55
N LYS A 147 -12.66 14.98 -2.29
CA LYS A 147 -12.72 14.93 -3.75
C LYS A 147 -11.70 15.82 -4.45
N GLY A 148 -11.49 15.57 -5.74
CA GLY A 148 -10.56 16.34 -6.54
C GLY A 148 -9.16 15.75 -6.50
N VAL A 149 -8.20 16.46 -7.09
CA VAL A 149 -6.81 16.03 -7.06
C VAL A 149 -6.06 16.80 -5.99
N TYR A 150 -5.64 16.09 -4.95
CA TYR A 150 -5.03 16.72 -3.79
C TYR A 150 -3.63 17.25 -4.06
N TYR A 151 -3.43 18.52 -3.75
CA TYR A 151 -2.11 19.12 -3.76
C TYR A 151 -2.03 20.21 -2.70
N ASP A 152 -1.03 20.11 -1.83
CA ASP A 152 -0.77 21.11 -0.81
C ASP A 152 0.75 21.30 -0.74
N GLU A 153 1.21 22.51 -1.02
CA GLU A 153 2.64 22.79 -1.14
C GLU A 153 3.38 22.47 0.16
N SER A 154 2.70 22.67 1.29
CA SER A 154 3.35 22.50 2.59
C SER A 154 3.58 21.03 2.96
N CYS A 155 3.16 20.11 2.09
CA CYS A 155 3.40 18.70 2.30
C CYS A 155 4.90 18.43 2.28
N ASN A 156 5.39 17.68 3.25
CA ASN A 156 6.83 17.48 3.44
C ASN A 156 7.32 16.15 2.86
N SER A 157 8.10 16.23 1.78
CA SER A 157 8.61 15.05 1.11
C SER A 157 9.67 14.30 1.92
N ASP A 158 10.15 14.93 2.99
CA ASP A 158 11.14 14.30 3.86
C ASP A 158 10.51 13.74 5.13
N ASN A 159 9.18 13.78 5.18
CA ASN A 159 8.44 13.29 6.34
C ASN A 159 7.45 12.20 5.93
N LEU A 160 7.97 11.02 5.62
CA LEU A 160 7.16 9.93 5.11
C LEU A 160 6.49 9.12 6.23
N ASN A 161 5.41 9.65 6.78
CA ASN A 161 4.83 9.10 8.00
C ASN A 161 3.65 8.15 7.80
N HIS A 162 3.24 7.92 6.56
CA HIS A 162 2.07 7.08 6.32
C HIS A 162 2.24 6.19 5.10
N ALA A 163 1.99 4.89 5.27
CA ALA A 163 2.11 3.94 4.16
C ALA A 163 0.76 3.69 3.49
N VAL A 164 0.75 3.75 2.17
CA VAL A 164 -0.48 3.57 1.38
C VAL A 164 -0.16 2.82 0.09
N LEU A 165 -1.15 2.73 -0.80
CA LEU A 165 -0.96 1.91 -2.00
C LEU A 165 -1.38 2.63 -3.27
N ALA A 166 -0.49 2.72 -4.25
CA ALA A 166 -0.83 3.32 -5.54
C ALA A 166 -1.45 2.25 -6.44
N VAL A 167 -2.73 2.41 -6.75
CA VAL A 167 -3.46 1.42 -7.53
C VAL A 167 -3.77 1.91 -8.95
N GLY A 168 -3.16 3.03 -9.33
CA GLY A 168 -3.34 3.55 -10.67
C GLY A 168 -2.90 4.98 -10.83
N TYR A 169 -3.16 5.53 -12.01
CA TYR A 169 -2.86 6.93 -12.29
C TYR A 169 -3.68 7.43 -13.46
N GLY A 170 -3.73 8.74 -13.63
CA GLY A 170 -4.50 9.33 -14.71
C GLY A 170 -4.59 10.84 -14.60
N ILE A 171 -5.71 11.39 -15.04
CA ILE A 171 -5.89 12.83 -15.08
C ILE A 171 -7.36 13.18 -14.85
N GLN A 172 -7.60 14.26 -14.12
CA GLN A 172 -8.96 14.69 -13.86
C GLN A 172 -9.09 16.20 -14.03
N LYS A 173 -9.88 16.62 -15.00
CA LYS A 173 -10.06 18.03 -15.34
C LYS A 173 -8.73 18.75 -15.52
N GLY A 174 -7.79 18.08 -16.18
CA GLY A 174 -6.50 18.69 -16.50
C GLY A 174 -5.39 18.47 -15.50
N ASN A 175 -5.72 17.90 -14.34
CA ASN A 175 -4.72 17.66 -13.31
C ASN A 175 -4.33 16.19 -13.23
N LYS A 176 -3.05 15.91 -13.46
CA LYS A 176 -2.53 14.54 -13.42
C LYS A 176 -2.48 14.03 -11.99
N HIS A 177 -2.77 12.73 -11.80
CA HIS A 177 -2.85 12.18 -10.46
C HIS A 177 -2.41 10.72 -10.32
N TRP A 178 -2.24 10.32 -9.07
CA TRP A 178 -2.10 8.95 -8.64
C TRP A 178 -3.41 8.55 -7.96
N ILE A 179 -3.85 7.32 -8.17
CA ILE A 179 -4.99 6.80 -7.41
C ILE A 179 -4.45 6.08 -6.19
N ILE A 180 -4.83 6.54 -5.01
CA ILE A 180 -4.24 6.05 -3.77
C ILE A 180 -5.26 5.39 -2.85
N LYS A 181 -4.98 4.12 -2.52
CA LYS A 181 -5.74 3.35 -1.54
C LYS A 181 -5.16 3.56 -0.15
N ASN A 182 -6.01 4.05 0.76
CA ASN A 182 -5.64 4.24 2.15
C ASN A 182 -6.20 3.08 2.97
N SER A 183 -5.92 3.08 4.27
CA SER A 183 -6.43 2.05 5.16
C SER A 183 -7.09 2.68 6.39
N TRP A 184 -7.85 3.73 6.16
CA TRP A 184 -8.60 4.41 7.23
C TRP A 184 -10.10 4.15 7.08
N GLY A 185 -10.44 3.06 6.40
CA GLY A 185 -11.83 2.70 6.19
C GLY A 185 -12.44 3.30 4.94
N GLU A 186 -13.55 2.73 4.49
CA GLU A 186 -14.26 3.22 3.31
C GLU A 186 -14.86 4.60 3.59
N ASN A 187 -15.03 4.92 4.87
CA ASN A 187 -15.61 6.19 5.26
C ASN A 187 -14.70 7.39 4.99
N TRP A 188 -13.40 7.14 4.89
CA TRP A 188 -12.44 8.22 4.69
C TRP A 188 -12.31 8.61 3.21
N GLY A 189 -12.06 9.90 2.96
CA GLY A 189 -11.78 10.37 1.61
C GLY A 189 -12.91 10.09 0.65
N ASN A 190 -12.55 9.66 -0.56
CA ASN A 190 -13.55 9.25 -1.53
C ASN A 190 -13.67 7.73 -1.54
N LYS A 191 -14.55 7.22 -0.68
CA LYS A 191 -14.76 5.78 -0.50
C LYS A 191 -13.46 5.05 -0.16
N GLY A 192 -12.61 5.70 0.63
CA GLY A 192 -11.38 5.09 1.10
C GLY A 192 -10.16 5.50 0.29
N TYR A 193 -10.39 6.23 -0.79
CA TYR A 193 -9.34 6.60 -1.73
C TYR A 193 -9.06 8.09 -1.79
N ILE A 194 -7.87 8.43 -2.26
CA ILE A 194 -7.52 9.82 -2.54
C ILE A 194 -6.77 9.92 -3.87
N LEU A 195 -7.12 10.93 -4.67
CA LEU A 195 -6.35 11.23 -5.87
C LEU A 195 -5.27 12.24 -5.51
N MET A 196 -4.01 11.87 -5.70
CA MET A 196 -2.90 12.74 -5.27
C MET A 196 -2.12 13.29 -6.46
N ALA A 197 -1.72 14.56 -6.39
CA ALA A 197 -1.03 15.25 -7.49
C ALA A 197 0.16 14.46 -8.05
N ARG A 198 0.16 14.28 -9.36
CA ARG A 198 1.25 13.58 -10.05
C ARG A 198 2.06 14.55 -10.92
N ASN A 199 3.37 14.32 -10.97
CA ASN A 199 4.31 15.17 -11.71
C ASN A 199 4.30 16.62 -11.25
N LYS A 200 3.96 16.84 -9.97
CA LYS A 200 4.10 18.15 -9.37
C LYS A 200 5.22 18.14 -8.35
N ASN A 201 6.43 17.83 -8.84
CA ASN A 201 7.64 17.83 -8.03
C ASN A 201 7.58 16.87 -6.84
N ASN A 202 7.16 15.63 -7.09
CA ASN A 202 7.16 14.57 -6.08
C ASN A 202 6.35 14.97 -4.84
N ALA A 203 5.13 15.45 -5.08
CA ALA A 203 4.28 15.97 -4.01
C ALA A 203 4.07 14.96 -2.89
N CYS A 204 4.24 15.42 -1.65
CA CYS A 204 4.11 14.61 -0.45
C CYS A 204 5.10 13.43 -0.39
N GLY A 205 6.08 13.42 -1.29
CA GLY A 205 7.10 12.40 -1.30
C GLY A 205 6.64 11.07 -1.88
N ILE A 206 5.66 11.14 -2.77
CA ILE A 206 4.99 9.94 -3.30
C ILE A 206 5.95 8.90 -3.88
N ALA A 207 7.09 9.34 -4.43
CA ALA A 207 8.02 8.41 -5.06
C ALA A 207 9.32 8.24 -4.27
N ASN A 208 9.31 8.60 -2.99
CA ASN A 208 10.54 8.56 -2.19
C ASN A 208 10.78 7.23 -1.49
N LEU A 209 9.72 6.44 -1.29
CA LEU A 209 9.84 5.15 -0.63
C LEU A 209 8.89 4.13 -1.24
N ALA A 210 8.98 3.94 -2.55
CA ALA A 210 8.05 3.07 -3.25
C ALA A 210 8.69 1.73 -3.60
N SER A 211 7.93 0.66 -3.40
CA SER A 211 8.42 -0.70 -3.69
C SER A 211 7.31 -1.64 -4.09
N PHE A 212 7.68 -2.75 -4.70
CA PHE A 212 6.71 -3.80 -5.03
C PHE A 212 7.32 -5.18 -4.82
N PRO A 213 6.47 -6.17 -4.52
CA PRO A 213 6.95 -7.55 -4.34
C PRO A 213 7.06 -8.33 -5.65
N LYS A 214 8.05 -9.21 -5.72
CA LYS A 214 8.16 -10.16 -6.82
C LYS A 214 7.43 -11.45 -6.46
N MET A 215 6.77 -12.06 -7.44
CA MET A 215 5.98 -13.25 -7.18
C MET A 215 6.05 -14.23 -8.35
S SO4 B . 13.21 -9.89 -12.37
O1 SO4 B . 14.02 -8.68 -12.48
O2 SO4 B . 13.59 -10.85 -13.40
O3 SO4 B . 11.80 -9.53 -12.55
O4 SO4 B . 13.39 -10.48 -11.05
#